data_1ME7
#
_entry.id   1ME7
#
_cell.length_a   155.068
_cell.length_b   155.068
_cell.length_c   155.068
_cell.angle_alpha   90.00
_cell.angle_beta   90.00
_cell.angle_gamma   90.00
#
_symmetry.space_group_name_H-M   'P 4 3 2'
#
loop_
_entity.id
_entity.type
_entity.pdbx_description
1 polymer "INOSINE-5'-MONOPHOSPHATE DEHYDROGENASE"
2 non-polymer 'SODIUM ION'
3 non-polymer 'POTASSIUM ION'
4 non-polymer 'RIBAVIRIN MONOPHOSPHATE'
5 non-polymer 'MYCOPHENOLIC ACID'
6 water water
#
_entity_poly.entity_id   1
_entity_poly.type   'polypeptide(L)'
_entity_poly.pdbx_seq_one_letter_code
;MAKYYNEPCHTFNEYLLIPGLSTVDCIPSNVNLSTPLVKFQKGQQSEINLKIPLVSAIMQSVSGEKMAIALAREGGISFI
FGSQSIESQAAMVHAVKNFKAGFVVSDSNVKPDQTFADVLAISQRTTHNTVAVTDDGTPHGVLLGLVTQRDYPIDLTQTE
TKVSDMMTPFSKLVTAHQDTKLSEANKIIWEKKLNALPIIDDDQHLRYIVFRKDYDRSQVCHNELVDSQKRYLVGAGINT
RDFRERVPALVEAGADVLCIDSSDGFSEWQKITIGWIREKYGDKVKVGAGNIVDGEGFRYLADAGADFIKIGIGGGSICI
TREQKGIGRGQATAVIDVVAERNKYFEETGIYIPVCSDGGIVYDYHMTLALAMGADFIMLGRYFARFEESPTRKVTINGS
VMKEYWGEGSSRARNWQRYDLGGKQKLSFEEGVDSYVPYAGKLKDNVEASLNKVKSTMCNCGALTIPQLQSKAKITLVSS
VSIVEGGAHDVIVKDRINDYHPK
;
_entity_poly.pdbx_strand_id   A
#
loop_
_chem_comp.id
_chem_comp.type
_chem_comp.name
_chem_comp.formula
K non-polymer 'POTASSIUM ION' 'K 1'
MOA non-polymer 'MYCOPHENOLIC ACID' 'C17 H20 O6'
NA non-polymer 'SODIUM ION' 'Na 1'
RVP non-polymer 'RIBAVIRIN MONOPHOSPHATE' 'C8 H13 N4 O8 P'
#
# COMPACT_ATOMS: atom_id res chain seq x y z
N ALA A 2 -7.52 -27.59 16.96
CA ALA A 2 -7.17 -26.29 16.34
C ALA A 2 -5.78 -25.82 16.79
N LYS A 3 -5.27 -24.78 16.14
CA LYS A 3 -3.97 -24.24 16.50
C LYS A 3 -4.15 -22.88 17.16
N TYR A 4 -3.50 -22.68 18.31
CA TYR A 4 -3.58 -21.44 19.05
C TYR A 4 -2.23 -20.74 19.10
N TYR A 5 -2.20 -19.49 19.58
CA TYR A 5 -0.96 -18.74 19.66
C TYR A 5 -0.62 -18.36 21.10
N ASN A 6 0.66 -18.12 21.36
CA ASN A 6 1.13 -17.77 22.69
C ASN A 6 0.81 -16.33 23.09
N GLU A 7 0.65 -15.45 22.10
CA GLU A 7 0.36 -14.04 22.38
C GLU A 7 -0.82 -13.49 21.61
N PRO A 8 -1.56 -12.56 22.20
CA PRO A 8 -2.70 -12.00 21.47
C PRO A 8 -2.11 -11.07 20.41
N CYS A 9 -2.85 -10.77 19.35
CA CYS A 9 -2.34 -9.87 18.32
C CYS A 9 -2.51 -8.41 18.77
N HIS A 10 -1.73 -7.50 18.16
CA HIS A 10 -1.75 -6.08 18.50
C HIS A 10 -1.85 -5.20 17.25
N THR A 11 -2.40 -4.00 17.41
CA THR A 11 -2.57 -3.03 16.31
C THR A 11 -1.52 -1.91 16.48
N PHE A 12 -1.36 -1.08 15.45
CA PHE A 12 -0.38 0.02 15.48
C PHE A 12 -0.52 0.97 16.66
N ASN A 13 -1.75 1.27 17.06
CA ASN A 13 -2.00 2.17 18.18
C ASN A 13 -1.38 1.71 19.50
N GLU A 14 -0.99 0.44 19.57
CA GLU A 14 -0.40 -0.12 20.79
C GLU A 14 1.12 0.02 20.87
N TYR A 15 1.73 0.62 19.86
CA TYR A 15 3.18 0.77 19.84
C TYR A 15 3.68 2.20 19.83
N LEU A 16 4.92 2.37 20.27
CA LEU A 16 5.59 3.66 20.25
C LEU A 16 7.04 3.35 19.89
N LEU A 17 7.72 4.31 19.28
CA LEU A 17 9.12 4.16 18.92
C LEU A 17 9.97 4.83 20.00
N ILE A 18 11.03 4.16 20.43
CA ILE A 18 11.95 4.70 21.43
C ILE A 18 13.14 5.22 20.64
N PRO A 19 13.47 6.51 20.79
CA PRO A 19 14.60 7.11 20.06
C PRO A 19 15.94 6.39 20.21
N GLY A 20 16.77 6.55 19.17
CA GLY A 20 18.10 5.98 19.15
C GLY A 20 19.03 7.19 19.04
N LEU A 21 20.30 6.95 18.75
CA LEU A 21 21.25 8.05 18.63
C LEU A 21 21.06 8.81 17.33
N SER A 22 20.76 10.10 17.44
CA SER A 22 20.58 10.93 16.25
C SER A 22 21.91 11.62 15.96
N THR A 23 22.48 11.34 14.80
CA THR A 23 23.75 11.94 14.39
C THR A 23 23.53 13.29 13.73
N VAL A 24 24.59 14.11 13.66
CA VAL A 24 24.48 15.43 13.06
C VAL A 24 24.06 15.43 11.60
N ASP A 25 24.42 14.39 10.85
CA ASP A 25 24.04 14.35 9.44
C ASP A 25 22.58 13.96 9.19
N CYS A 26 21.85 13.56 10.23
CA CYS A 26 20.46 13.18 10.01
C CYS A 26 19.47 14.32 10.15
N ILE A 27 19.16 14.95 9.02
CA ILE A 27 18.18 16.01 8.99
C ILE A 27 17.13 15.49 8.02
N PRO A 28 15.85 15.87 8.23
CA PRO A 28 14.76 15.44 7.38
C PRO A 28 15.02 15.50 5.87
N SER A 29 15.57 16.62 5.41
CA SER A 29 15.83 16.78 3.98
C SER A 29 16.84 15.79 3.41
N ASN A 30 17.63 15.15 4.26
CA ASN A 30 18.60 14.18 3.75
C ASN A 30 18.08 12.74 3.83
N VAL A 31 16.89 12.55 4.38
CA VAL A 31 16.31 11.21 4.49
C VAL A 31 15.82 10.71 3.13
N ASN A 32 16.22 9.50 2.76
CA ASN A 32 15.82 8.92 1.49
C ASN A 32 14.70 7.91 1.76
N LEU A 33 13.55 8.13 1.15
CA LEU A 33 12.41 7.24 1.35
C LEU A 33 12.16 6.28 0.20
N SER A 34 13.19 5.99 -0.59
CA SER A 34 13.06 5.05 -1.70
C SER A 34 12.84 3.65 -1.13
N THR A 35 12.10 2.82 -1.85
CA THR A 35 11.83 1.47 -1.38
C THR A 35 11.50 0.56 -2.57
N PRO A 36 11.85 -0.72 -2.47
CA PRO A 36 11.57 -1.68 -3.55
C PRO A 36 10.10 -2.10 -3.68
N LEU A 37 9.64 -2.20 -4.92
CA LEU A 37 8.25 -2.59 -5.19
C LEU A 37 8.14 -4.06 -5.58
N VAL A 38 9.12 -4.57 -6.34
CA VAL A 38 9.06 -5.97 -6.77
C VAL A 38 10.31 -6.75 -6.41
N LYS A 39 10.15 -8.06 -6.23
CA LYS A 39 11.23 -8.94 -5.83
C LYS A 39 12.46 -8.95 -6.72
N PHE A 40 13.59 -9.25 -6.10
CA PHE A 40 14.88 -9.32 -6.76
C PHE A 40 15.77 -10.31 -5.99
N GLN A 41 16.89 -10.69 -6.59
CA GLN A 41 17.82 -11.62 -5.98
C GLN A 41 18.83 -10.86 -5.13
N LYS A 42 19.50 -11.58 -4.25
CA LYS A 42 20.54 -11.01 -3.40
C LYS A 42 21.60 -10.36 -4.29
N GLY A 43 22.07 -9.18 -3.89
CA GLY A 43 23.10 -8.50 -4.67
C GLY A 43 22.57 -7.59 -5.76
N GLN A 44 21.27 -7.68 -6.03
CA GLN A 44 20.67 -6.85 -7.06
C GLN A 44 19.81 -5.76 -6.43
N GLN A 45 19.19 -4.96 -7.29
CA GLN A 45 18.28 -3.89 -6.90
C GLN A 45 16.97 -4.25 -7.57
N SER A 46 15.86 -3.76 -7.02
CA SER A 46 14.56 -4.04 -7.61
C SER A 46 14.43 -3.26 -8.91
N GLU A 47 13.79 -3.86 -9.91
CA GLU A 47 13.59 -3.20 -11.20
C GLU A 47 12.70 -1.98 -11.06
N ILE A 48 11.90 -1.95 -9.99
CA ILE A 48 11.01 -0.83 -9.73
C ILE A 48 11.14 -0.36 -8.29
N ASN A 49 11.48 0.91 -8.10
CA ASN A 49 11.63 1.48 -6.78
C ASN A 49 10.77 2.71 -6.63
N LEU A 50 9.90 2.72 -5.63
CA LEU A 50 9.05 3.88 -5.38
C LEU A 50 9.99 4.93 -4.80
N LYS A 51 9.65 6.20 -4.91
CA LYS A 51 10.49 7.25 -4.33
C LYS A 51 9.96 7.59 -2.94
N ILE A 52 8.71 7.22 -2.69
CA ILE A 52 8.06 7.38 -1.39
C ILE A 52 7.31 6.06 -1.19
N PRO A 53 7.32 5.52 0.03
CA PRO A 53 6.67 4.24 0.35
C PRO A 53 5.15 4.21 0.47
N LEU A 54 4.44 4.98 -0.37
CA LEU A 54 2.99 5.00 -0.30
C LEU A 54 2.34 4.60 -1.62
N VAL A 55 1.32 3.75 -1.55
CA VAL A 55 0.58 3.36 -2.74
C VAL A 55 -0.91 3.46 -2.39
N SER A 56 -1.72 3.94 -3.34
CA SER A 56 -3.15 4.08 -3.10
C SER A 56 -3.88 2.75 -3.34
N ALA A 57 -4.87 2.49 -2.49
CA ALA A 57 -5.64 1.25 -2.52
C ALA A 57 -6.39 0.96 -3.82
N ILE A 58 -6.58 -0.32 -4.09
CA ILE A 58 -7.27 -0.81 -5.28
C ILE A 58 -8.77 -0.67 -5.02
N MET A 59 -9.24 0.57 -5.04
CA MET A 59 -10.65 0.86 -4.74
C MET A 59 -11.28 1.89 -5.67
N GLN A 60 -12.54 1.66 -6.01
CA GLN A 60 -13.28 2.55 -6.89
C GLN A 60 -13.28 3.98 -6.38
N SER A 61 -13.34 4.14 -5.06
CA SER A 61 -13.39 5.46 -4.44
C SER A 61 -12.03 6.08 -4.15
N VAL A 62 -10.97 5.44 -4.62
CA VAL A 62 -9.63 5.95 -4.36
C VAL A 62 -8.72 6.10 -5.56
N SER A 63 -8.41 5.01 -6.23
CA SER A 63 -7.48 5.03 -7.34
C SER A 63 -8.02 5.14 -8.75
N GLY A 64 -8.32 6.38 -9.15
CA GLY A 64 -8.79 6.65 -10.49
C GLY A 64 -7.58 7.21 -11.23
N GLU A 65 -7.76 7.70 -12.45
CA GLU A 65 -6.63 8.21 -13.20
C GLU A 65 -6.01 9.47 -12.61
N LYS A 66 -6.83 10.38 -12.09
CA LYS A 66 -6.29 11.60 -11.49
C LYS A 66 -5.43 11.27 -10.28
N MET A 67 -5.86 10.29 -9.50
CA MET A 67 -5.12 9.88 -8.31
C MET A 67 -3.78 9.30 -8.73
N ALA A 68 -3.81 8.40 -9.71
CA ALA A 68 -2.61 7.74 -10.20
C ALA A 68 -1.56 8.73 -10.69
N ILE A 69 -2.01 9.82 -11.32
CA ILE A 69 -1.12 10.85 -11.83
C ILE A 69 -0.56 11.68 -10.68
N ALA A 70 -1.44 12.16 -9.81
CA ALA A 70 -1.03 12.97 -8.68
C ALA A 70 -0.07 12.26 -7.73
N LEU A 71 -0.28 10.97 -7.52
CA LEU A 71 0.58 10.20 -6.63
C LEU A 71 1.92 9.87 -7.28
N ALA A 72 1.90 9.51 -8.55
CA ALA A 72 3.15 9.20 -9.25
C ALA A 72 4.04 10.44 -9.29
N ARG A 73 3.42 11.62 -9.36
CA ARG A 73 4.16 12.87 -9.40
C ARG A 73 4.97 13.06 -8.13
N GLU A 74 4.48 12.52 -7.03
CA GLU A 74 5.15 12.63 -5.74
C GLU A 74 6.07 11.46 -5.44
N GLY A 75 6.08 10.46 -6.32
CA GLY A 75 6.96 9.32 -6.11
C GLY A 75 6.32 8.00 -5.73
N GLY A 76 4.99 8.00 -5.58
CA GLY A 76 4.30 6.78 -5.23
C GLY A 76 3.61 6.21 -6.46
N ILE A 77 2.82 5.16 -6.28
CA ILE A 77 2.11 4.55 -7.39
C ILE A 77 0.69 4.18 -6.99
N SER A 78 -0.23 4.20 -7.96
CA SER A 78 -1.62 3.86 -7.70
C SER A 78 -1.98 2.56 -8.40
N PHE A 79 -2.91 1.82 -7.80
CA PHE A 79 -3.36 0.58 -8.40
C PHE A 79 -4.79 0.81 -8.85
N ILE A 80 -4.95 1.16 -10.13
CA ILE A 80 -6.27 1.41 -10.71
C ILE A 80 -7.19 0.24 -10.36
N PHE A 81 -8.35 0.56 -9.79
CA PHE A 81 -9.28 -0.49 -9.38
C PHE A 81 -9.71 -1.44 -10.50
N GLY A 82 -9.81 -2.72 -10.15
CA GLY A 82 -10.21 -3.72 -11.12
C GLY A 82 -11.69 -4.04 -11.06
N SER A 83 -12.41 -3.36 -10.18
CA SER A 83 -13.84 -3.57 -10.04
C SER A 83 -14.62 -2.72 -11.04
N GLN A 84 -14.30 -2.92 -12.32
CA GLN A 84 -14.94 -2.22 -13.43
C GLN A 84 -14.65 -3.04 -14.68
N SER A 85 -15.25 -2.68 -15.80
CA SER A 85 -15.03 -3.42 -17.05
C SER A 85 -13.56 -3.42 -17.42
N ILE A 86 -13.14 -4.45 -18.14
CA ILE A 86 -11.76 -4.59 -18.59
C ILE A 86 -11.38 -3.41 -19.49
N GLU A 87 -12.29 -3.04 -20.38
CA GLU A 87 -12.08 -1.92 -21.31
C GLU A 87 -11.93 -0.61 -20.54
N SER A 88 -12.77 -0.45 -19.51
CA SER A 88 -12.75 0.76 -18.69
C SER A 88 -11.45 0.90 -17.88
N GLN A 89 -11.02 -0.19 -17.24
CA GLN A 89 -9.81 -0.16 -16.45
C GLN A 89 -8.60 0.10 -17.35
N ALA A 90 -8.56 -0.57 -18.51
CA ALA A 90 -7.45 -0.41 -19.43
C ALA A 90 -7.35 1.03 -19.93
N ALA A 91 -8.49 1.67 -20.16
CA ALA A 91 -8.50 3.06 -20.62
C ALA A 91 -7.84 3.96 -19.57
N MET A 92 -8.14 3.73 -18.29
CA MET A 92 -7.54 4.54 -17.24
C MET A 92 -6.03 4.38 -17.21
N VAL A 93 -5.57 3.14 -17.38
CA VAL A 93 -4.14 2.87 -17.38
C VAL A 93 -3.51 3.58 -18.57
N HIS A 94 -4.16 3.49 -19.73
CA HIS A 94 -3.65 4.12 -20.94
C HIS A 94 -3.53 5.63 -20.76
N ALA A 95 -4.58 6.24 -20.21
CA ALA A 95 -4.59 7.68 -19.97
C ALA A 95 -3.44 8.14 -19.07
N VAL A 96 -3.12 7.34 -18.07
CA VAL A 96 -2.03 7.70 -17.15
C VAL A 96 -0.69 7.56 -17.85
N LYS A 97 -0.54 6.50 -18.63
CA LYS A 97 0.71 6.25 -19.35
C LYS A 97 0.96 7.28 -20.44
N ASN A 98 -0.11 7.85 -21.01
CA ASN A 98 0.04 8.84 -22.07
C ASN A 98 -0.39 10.23 -21.67
N PHE A 99 -0.24 10.59 -20.40
CA PHE A 99 -0.65 11.91 -19.94
C PHE A 99 0.25 13.04 -20.45
N LYS A 100 1.54 12.76 -20.59
CA LYS A 100 2.48 13.78 -21.06
C LYS A 100 2.50 13.92 -22.58
N ALA A 101 1.41 13.52 -23.23
CA ALA A 101 1.31 13.60 -24.68
C ALA A 101 0.57 14.86 -25.13
N GLY A 102 -0.70 14.99 -24.75
CA GLY A 102 -1.47 16.15 -25.14
C GLY A 102 -2.95 16.10 -24.81
N PHE A 103 -3.51 17.27 -24.50
CA PHE A 103 -4.93 17.42 -24.14
C PHE A 103 -5.84 17.42 -25.38
N VAL A 104 -5.34 18.04 -26.45
CA VAL A 104 -6.09 18.14 -27.71
C VAL A 104 -5.92 16.92 -28.61
N VAL A 105 -6.34 17.07 -29.87
CA VAL A 105 -6.25 16.00 -30.86
C VAL A 105 -5.33 16.42 -32.00
N SER A 106 -5.49 15.80 -33.16
CA SER A 106 -4.66 16.12 -34.32
C SER A 106 -5.33 17.12 -35.26
N ASP A 107 -5.69 18.28 -34.71
CA ASP A 107 -6.34 19.33 -35.50
C ASP A 107 -5.33 20.24 -36.17
N VAL A 220 7.27 19.19 -13.88
CA VAL A 220 8.71 19.16 -13.58
C VAL A 220 8.93 18.82 -12.11
N CYS A 221 8.41 17.68 -11.68
CA CYS A 221 8.54 17.22 -10.31
C CYS A 221 9.75 16.29 -10.19
N HIS A 222 10.68 16.62 -9.30
CA HIS A 222 11.89 15.82 -9.15
C HIS A 222 11.73 14.47 -8.45
N ASN A 223 10.56 14.22 -7.88
CA ASN A 223 10.34 12.94 -7.22
C ASN A 223 9.29 12.11 -7.94
N GLU A 224 8.99 12.48 -9.17
CA GLU A 224 8.00 11.74 -9.96
C GLU A 224 8.49 10.32 -10.23
N LEU A 225 7.56 9.38 -10.21
CA LEU A 225 7.89 7.98 -10.48
C LEU A 225 7.54 7.71 -11.94
N VAL A 226 8.57 7.45 -12.74
CA VAL A 226 8.37 7.19 -14.17
C VAL A 226 9.20 6.04 -14.73
N ASP A 227 8.87 5.62 -15.95
CA ASP A 227 9.60 4.56 -16.61
C ASP A 227 10.71 5.17 -17.46
N SER A 228 11.43 4.33 -18.18
CA SER A 228 12.54 4.77 -19.03
C SER A 228 12.10 5.73 -20.13
N GLN A 229 10.79 5.80 -20.38
CA GLN A 229 10.24 6.69 -21.39
C GLN A 229 9.70 7.96 -20.74
N LYS A 230 10.01 8.13 -19.45
CA LYS A 230 9.57 9.31 -18.69
C LYS A 230 8.06 9.37 -18.47
N ARG A 231 7.37 8.24 -18.62
CA ARG A 231 5.93 8.20 -18.39
C ARG A 231 5.66 7.78 -16.95
N TYR A 232 4.61 8.32 -16.36
CA TYR A 232 4.24 7.99 -14.99
C TYR A 232 3.96 6.50 -14.83
N LEU A 233 4.44 5.91 -13.74
CA LEU A 233 4.19 4.51 -13.50
C LEU A 233 2.77 4.38 -12.96
N VAL A 234 2.15 3.24 -13.21
CA VAL A 234 0.81 3.02 -12.72
C VAL A 234 0.59 1.53 -12.54
N GLY A 235 -0.22 1.16 -11.56
CA GLY A 235 -0.50 -0.24 -11.31
C GLY A 235 -1.95 -0.51 -11.58
N ALA A 236 -2.35 -1.78 -11.57
CA ALA A 236 -3.73 -2.14 -11.81
C ALA A 236 -4.11 -3.42 -11.08
N GLY A 237 -5.26 -3.39 -10.41
CA GLY A 237 -5.71 -4.57 -9.70
C GLY A 237 -6.34 -5.59 -10.62
N ILE A 238 -6.19 -6.87 -10.30
CA ILE A 238 -6.78 -7.94 -11.10
C ILE A 238 -7.45 -8.95 -10.16
N ASN A 239 -8.35 -9.75 -10.70
CA ASN A 239 -9.03 -10.76 -9.89
C ASN A 239 -8.70 -12.15 -10.41
N THR A 240 -9.02 -13.17 -9.62
CA THR A 240 -8.75 -14.55 -9.97
C THR A 240 -9.80 -15.15 -10.93
N ARG A 241 -10.67 -14.31 -11.47
CA ARG A 241 -11.71 -14.78 -12.37
C ARG A 241 -11.45 -14.53 -13.86
N ASP A 242 -11.53 -13.26 -14.27
CA ASP A 242 -11.35 -12.90 -15.68
C ASP A 242 -9.93 -12.46 -16.05
N PHE A 243 -8.93 -12.96 -15.35
CA PHE A 243 -7.54 -12.58 -15.62
C PHE A 243 -7.01 -12.93 -17.00
N ARG A 244 -7.55 -13.97 -17.63
CA ARG A 244 -7.10 -14.37 -18.95
C ARG A 244 -7.42 -13.30 -19.99
N GLU A 245 -8.45 -12.50 -19.71
CA GLU A 245 -8.83 -11.43 -20.62
C GLU A 245 -8.32 -10.09 -20.11
N ARG A 246 -8.50 -9.85 -18.82
CA ARG A 246 -8.09 -8.60 -18.20
C ARG A 246 -6.58 -8.33 -18.23
N VAL A 247 -5.78 -9.31 -17.86
CA VAL A 247 -4.33 -9.13 -17.84
C VAL A 247 -3.76 -8.65 -19.18
N PRO A 248 -4.01 -9.38 -20.29
CA PRO A 248 -3.50 -8.96 -21.60
C PRO A 248 -3.88 -7.52 -21.92
N ALA A 249 -5.12 -7.17 -21.63
CA ALA A 249 -5.60 -5.81 -21.90
C ALA A 249 -4.85 -4.77 -21.07
N LEU A 250 -4.51 -5.12 -19.83
CA LEU A 250 -3.79 -4.20 -18.96
C LEU A 250 -2.35 -4.07 -19.41
N VAL A 251 -1.76 -5.17 -19.84
CA VAL A 251 -0.38 -5.15 -20.31
C VAL A 251 -0.29 -4.27 -21.56
N GLU A 252 -1.17 -4.52 -22.53
CA GLU A 252 -1.18 -3.75 -23.78
C GLU A 252 -1.36 -2.27 -23.48
N ALA A 253 -2.16 -1.95 -22.47
CA ALA A 253 -2.42 -0.57 -22.08
C ALA A 253 -1.18 0.07 -21.46
N GLY A 254 -0.20 -0.75 -21.11
CA GLY A 254 1.03 -0.24 -20.52
C GLY A 254 1.12 -0.26 -19.00
N ALA A 255 0.32 -1.09 -18.35
CA ALA A 255 0.36 -1.18 -16.89
C ALA A 255 1.76 -1.62 -16.46
N ASP A 256 2.35 -0.92 -15.51
CA ASP A 256 3.70 -1.25 -15.05
C ASP A 256 3.74 -2.40 -14.04
N VAL A 257 2.68 -2.54 -13.26
CA VAL A 257 2.62 -3.61 -12.28
C VAL A 257 1.16 -3.98 -12.01
N LEU A 258 0.94 -5.23 -11.64
CA LEU A 258 -0.41 -5.69 -11.35
C LEU A 258 -0.48 -6.18 -9.90
N CYS A 259 -1.70 -6.36 -9.39
CA CYS A 259 -1.88 -6.87 -8.04
C CYS A 259 -3.22 -7.55 -7.89
N ILE A 260 -3.20 -8.82 -7.50
CA ILE A 260 -4.44 -9.56 -7.29
C ILE A 260 -5.10 -8.94 -6.07
N ASP A 261 -6.35 -8.51 -6.24
CA ASP A 261 -7.13 -7.86 -5.21
C ASP A 261 -8.06 -8.87 -4.50
N SER A 262 -7.77 -9.18 -3.24
CA SER A 262 -8.57 -10.15 -2.50
C SER A 262 -8.41 -9.99 -0.97
N SER A 263 -9.44 -10.36 -0.21
CA SER A 263 -9.37 -10.24 1.25
C SER A 263 -8.64 -11.42 1.88
N ASP A 264 -8.63 -12.54 1.17
CA ASP A 264 -7.93 -13.73 1.65
C ASP A 264 -7.11 -14.29 0.49
N GLY A 265 -5.86 -13.85 0.40
CA GLY A 265 -4.98 -14.30 -0.67
C GLY A 265 -4.39 -15.68 -0.46
N PHE A 266 -4.64 -16.28 0.70
CA PHE A 266 -4.11 -17.60 0.96
C PHE A 266 -5.06 -18.54 0.22
N SER A 267 -4.97 -18.50 -1.11
CA SER A 267 -5.87 -19.29 -1.96
C SER A 267 -5.21 -19.92 -3.19
N GLU A 268 -5.65 -21.13 -3.50
CA GLU A 268 -5.13 -21.82 -4.66
C GLU A 268 -5.44 -21.00 -5.90
N TRP A 269 -6.49 -20.18 -5.84
CA TRP A 269 -6.85 -19.33 -6.97
C TRP A 269 -5.76 -18.31 -7.30
N GLN A 270 -5.06 -17.82 -6.29
CA GLN A 270 -3.98 -16.86 -6.54
C GLN A 270 -2.80 -17.59 -7.16
N LYS A 271 -2.56 -18.83 -6.73
CA LYS A 271 -1.45 -19.60 -7.29
C LYS A 271 -1.69 -19.85 -8.78
N ILE A 272 -2.94 -20.20 -9.12
CA ILE A 272 -3.30 -20.45 -10.52
C ILE A 272 -3.14 -19.18 -11.34
N THR A 273 -3.62 -18.05 -10.82
CA THR A 273 -3.51 -16.80 -11.53
C THR A 273 -2.06 -16.38 -11.78
N ILE A 274 -1.22 -16.46 -10.75
CA ILE A 274 0.19 -16.09 -10.90
C ILE A 274 0.86 -17.04 -11.88
N GLY A 275 0.47 -18.31 -11.80
CA GLY A 275 1.05 -19.30 -12.70
C GLY A 275 0.74 -19.00 -14.15
N TRP A 276 -0.51 -18.68 -14.43
CA TRP A 276 -0.93 -18.38 -15.79
C TRP A 276 -0.15 -17.19 -16.33
N ILE A 277 0.16 -16.24 -15.44
CA ILE A 277 0.91 -15.05 -15.83
C ILE A 277 2.37 -15.37 -16.12
N ARG A 278 2.98 -16.19 -15.28
CA ARG A 278 4.38 -16.58 -15.45
C ARG A 278 4.58 -17.41 -16.72
N GLU A 279 3.59 -18.24 -17.03
CA GLU A 279 3.65 -19.11 -18.20
C GLU A 279 3.47 -18.36 -19.51
N LYS A 280 2.72 -17.26 -19.47
CA LYS A 280 2.45 -16.47 -20.66
C LYS A 280 3.39 -15.28 -20.83
N TYR A 281 3.96 -14.80 -19.72
CA TYR A 281 4.84 -13.64 -19.77
C TYR A 281 6.18 -13.81 -19.05
N GLY A 282 6.38 -14.94 -18.39
CA GLY A 282 7.64 -15.12 -17.67
C GLY A 282 7.73 -14.08 -16.57
N ASP A 283 8.94 -13.62 -16.26
CA ASP A 283 9.13 -12.61 -15.22
C ASP A 283 9.07 -11.19 -15.76
N LYS A 284 8.45 -11.00 -16.93
CA LYS A 284 8.35 -9.67 -17.53
C LYS A 284 7.14 -8.88 -17.04
N VAL A 285 6.16 -9.60 -16.50
CA VAL A 285 4.98 -8.94 -15.97
C VAL A 285 5.03 -9.12 -14.46
N LYS A 286 4.98 -8.01 -13.74
CA LYS A 286 5.05 -8.04 -12.29
C LYS A 286 3.66 -8.12 -11.68
N VAL A 287 3.49 -9.01 -10.71
CA VAL A 287 2.18 -9.17 -10.08
C VAL A 287 2.27 -9.37 -8.57
N GLY A 288 1.58 -8.51 -7.83
CA GLY A 288 1.55 -8.63 -6.39
C GLY A 288 0.38 -9.52 -6.02
N ALA A 289 0.43 -10.14 -4.85
CA ALA A 289 -0.63 -11.03 -4.41
C ALA A 289 -0.96 -10.79 -2.93
N GLY A 290 -2.10 -11.32 -2.47
CA GLY A 290 -2.51 -11.13 -1.08
C GLY A 290 -4.02 -10.96 -0.96
N ASN A 291 -4.54 -10.62 0.22
CA ASN A 291 -3.76 -10.39 1.43
C ASN A 291 -3.61 -11.62 2.33
N ILE A 292 -2.51 -11.65 3.07
CA ILE A 292 -2.23 -12.71 4.03
C ILE A 292 -1.82 -12.01 5.33
N VAL A 293 -1.77 -12.76 6.43
CA VAL A 293 -1.43 -12.15 7.72
C VAL A 293 -0.42 -12.94 8.54
N ASP A 294 0.09 -14.04 7.99
CA ASP A 294 1.08 -14.82 8.72
C ASP A 294 2.15 -15.43 7.80
N GLY A 295 3.16 -16.04 8.40
CA GLY A 295 4.24 -16.64 7.63
C GLY A 295 3.78 -17.67 6.62
N GLU A 296 2.83 -18.52 7.02
CA GLU A 296 2.30 -19.56 6.13
C GLU A 296 1.79 -18.97 4.82
N GLY A 297 0.91 -17.99 4.94
CA GLY A 297 0.34 -17.34 3.77
C GLY A 297 1.38 -16.66 2.90
N PHE A 298 2.35 -16.00 3.53
CA PHE A 298 3.41 -15.32 2.81
C PHE A 298 4.16 -16.35 1.96
N ARG A 299 4.60 -17.41 2.63
CA ARG A 299 5.35 -18.51 2.04
C ARG A 299 4.63 -19.13 0.84
N TYR A 300 3.33 -19.32 0.96
CA TYR A 300 2.55 -19.90 -0.12
C TYR A 300 2.55 -19.01 -1.37
N LEU A 301 2.32 -17.72 -1.18
CA LEU A 301 2.32 -16.80 -2.31
C LEU A 301 3.74 -16.58 -2.84
N ALA A 302 4.74 -16.73 -1.97
CA ALA A 302 6.14 -16.56 -2.38
C ALA A 302 6.49 -17.70 -3.34
N ASP A 303 6.24 -18.93 -2.91
CA ASP A 303 6.52 -20.10 -3.74
C ASP A 303 5.68 -20.06 -5.01
N ALA A 304 4.55 -19.36 -4.95
CA ALA A 304 3.67 -19.26 -6.12
C ALA A 304 4.22 -18.26 -7.15
N GLY A 305 5.18 -17.44 -6.74
CA GLY A 305 5.78 -16.48 -7.66
C GLY A 305 5.43 -15.00 -7.56
N ALA A 306 4.65 -14.62 -6.55
CA ALA A 306 4.27 -13.21 -6.39
C ALA A 306 5.51 -12.30 -6.36
N ASP A 307 5.39 -11.10 -6.91
CA ASP A 307 6.50 -10.14 -6.94
C ASP A 307 6.55 -9.29 -5.68
N PHE A 308 5.41 -9.19 -5.00
CA PHE A 308 5.30 -8.50 -3.73
C PHE A 308 4.06 -9.08 -3.07
N ILE A 309 4.05 -9.11 -1.74
CA ILE A 309 2.94 -9.69 -1.01
C ILE A 309 2.28 -8.67 -0.11
N LYS A 310 0.95 -8.58 -0.20
CA LYS A 310 0.18 -7.63 0.58
C LYS A 310 -0.30 -8.21 1.92
N ILE A 311 -0.08 -7.45 2.98
CA ILE A 311 -0.42 -7.86 4.34
C ILE A 311 -1.61 -7.13 4.93
N GLY A 312 -2.54 -7.87 5.52
CA GLY A 312 -3.66 -7.22 6.16
C GLY A 312 -5.06 -7.72 5.88
N ILE A 313 -5.77 -8.06 6.96
CA ILE A 313 -7.15 -8.50 6.89
C ILE A 313 -7.85 -7.98 8.13
N GLY A 314 -8.84 -7.11 7.93
CA GLY A 314 -9.59 -6.55 9.04
C GLY A 314 -9.23 -5.14 9.45
N GLY A 315 -7.99 -4.74 9.19
CA GLY A 315 -7.54 -3.40 9.56
C GLY A 315 -8.20 -2.22 8.87
N GLY A 316 -8.51 -2.36 7.58
CA GLY A 316 -9.15 -1.27 6.84
C GLY A 316 -10.17 -0.46 7.63
N SER A 317 -10.17 0.86 7.43
CA SER A 317 -11.09 1.75 8.13
C SER A 317 -12.55 1.44 7.80
N ILE A 318 -12.80 1.00 6.56
CA ILE A 318 -14.15 0.67 6.12
C ILE A 318 -14.44 -0.83 6.15
N CYS A 319 -13.66 -1.57 6.94
CA CYS A 319 -13.84 -3.01 7.06
C CYS A 319 -14.25 -3.37 8.48
N ILE A 320 -15.32 -4.15 8.61
CA ILE A 320 -15.82 -4.56 9.92
C ILE A 320 -15.76 -6.08 10.11
N THR A 321 -14.60 -6.59 10.52
CA THR A 321 -14.39 -8.01 10.73
C THR A 321 -15.51 -8.69 11.53
N ARG A 322 -15.75 -8.19 12.74
CA ARG A 322 -16.79 -8.75 13.61
C ARG A 322 -18.13 -8.93 12.92
N GLU A 323 -18.70 -7.84 12.42
CA GLU A 323 -19.99 -7.89 11.74
C GLU A 323 -19.90 -8.63 10.41
N GLN A 324 -18.85 -9.44 10.25
CA GLN A 324 -18.66 -10.19 9.02
C GLN A 324 -18.35 -11.67 9.25
N LYS A 325 -17.13 -12.07 8.92
CA LYS A 325 -16.71 -13.47 9.03
C LYS A 325 -15.87 -13.79 10.26
N GLY A 326 -15.29 -12.77 10.89
CA GLY A 326 -14.48 -13.02 12.05
C GLY A 326 -13.08 -13.51 11.71
N ILE A 327 -12.56 -13.10 10.55
CA ILE A 327 -11.21 -13.47 10.15
C ILE A 327 -10.36 -12.20 10.22
N GLY A 328 -9.08 -12.36 10.51
CA GLY A 328 -8.23 -11.20 10.60
C GLY A 328 -7.15 -11.31 11.65
N ARG A 329 -6.37 -10.25 11.81
CA ARG A 329 -5.30 -10.21 12.78
C ARG A 329 -4.86 -8.76 12.95
N GLY A 330 -4.41 -8.39 14.15
CA GLY A 330 -3.95 -7.03 14.36
C GLY A 330 -2.89 -6.75 13.31
N GLN A 331 -2.98 -5.59 12.65
CA GLN A 331 -2.05 -5.24 11.59
C GLN A 331 -0.58 -5.28 11.98
N ALA A 332 -0.24 -4.82 13.19
CA ALA A 332 1.15 -4.83 13.64
C ALA A 332 1.69 -6.26 13.72
N THR A 333 0.96 -7.12 14.40
CA THR A 333 1.36 -8.51 14.56
C THR A 333 1.50 -9.19 13.21
N ALA A 334 0.56 -8.92 12.30
CA ALA A 334 0.59 -9.50 10.97
C ALA A 334 1.88 -9.10 10.24
N VAL A 335 2.18 -7.80 10.26
CA VAL A 335 3.37 -7.30 9.59
C VAL A 335 4.64 -7.92 10.18
N ILE A 336 4.75 -7.86 11.51
CA ILE A 336 5.92 -8.41 12.19
C ILE A 336 6.15 -9.87 11.87
N ASP A 337 5.06 -10.64 11.83
CA ASP A 337 5.15 -12.07 11.55
C ASP A 337 5.54 -12.34 10.09
N VAL A 338 4.88 -11.66 9.16
CA VAL A 338 5.18 -11.84 7.75
C VAL A 338 6.61 -11.43 7.42
N VAL A 339 7.03 -10.29 7.99
CA VAL A 339 8.38 -9.80 7.77
C VAL A 339 9.44 -10.80 8.23
N ALA A 340 9.21 -11.45 9.36
CA ALA A 340 10.17 -12.43 9.86
C ALA A 340 10.26 -13.59 8.87
N GLU A 341 9.10 -14.00 8.36
CA GLU A 341 9.07 -15.11 7.41
C GLU A 341 9.75 -14.69 6.11
N ARG A 342 9.49 -13.45 5.68
CA ARG A 342 10.08 -12.93 4.47
C ARG A 342 11.61 -12.92 4.59
N ASN A 343 12.12 -12.52 5.76
CA ASN A 343 13.57 -12.49 5.98
C ASN A 343 14.15 -13.91 6.00
N LYS A 344 13.40 -14.85 6.57
CA LYS A 344 13.85 -16.24 6.61
C LYS A 344 13.91 -16.75 5.16
N TYR A 345 12.86 -16.44 4.40
CA TYR A 345 12.77 -16.85 3.00
C TYR A 345 13.95 -16.30 2.18
N PHE A 346 14.30 -15.04 2.43
CA PHE A 346 15.42 -14.40 1.72
C PHE A 346 16.71 -15.16 2.02
N GLU A 347 16.91 -15.55 3.28
CA GLU A 347 18.11 -16.26 3.67
C GLU A 347 18.21 -17.67 3.07
N GLU A 348 17.07 -18.30 2.84
CA GLU A 348 17.06 -19.64 2.28
C GLU A 348 17.17 -19.67 0.77
N THR A 349 16.57 -18.69 0.11
CA THR A 349 16.55 -18.66 -1.35
C THR A 349 17.29 -17.54 -2.07
N GLY A 350 17.72 -16.52 -1.33
CA GLY A 350 18.40 -15.41 -1.98
C GLY A 350 17.40 -14.48 -2.65
N ILE A 351 16.10 -14.76 -2.49
CA ILE A 351 15.06 -13.93 -3.09
C ILE A 351 14.46 -12.99 -2.06
N TYR A 352 14.50 -11.69 -2.35
CA TYR A 352 13.93 -10.72 -1.43
C TYR A 352 12.56 -10.27 -1.96
N ILE A 353 11.50 -10.58 -1.21
CA ILE A 353 10.16 -10.19 -1.65
C ILE A 353 9.63 -9.02 -0.84
N PRO A 354 9.42 -7.88 -1.51
CA PRO A 354 8.91 -6.69 -0.80
C PRO A 354 7.51 -6.97 -0.28
N VAL A 355 7.19 -6.46 0.91
CA VAL A 355 5.85 -6.67 1.45
C VAL A 355 5.17 -5.33 1.69
N CYS A 356 3.85 -5.34 1.58
CA CYS A 356 3.05 -4.14 1.74
C CYS A 356 2.10 -4.22 2.92
N SER A 357 2.17 -3.24 3.81
CA SER A 357 1.25 -3.20 4.94
C SER A 357 0.03 -2.48 4.39
N ASP A 358 -1.07 -3.21 4.25
CA ASP A 358 -2.32 -2.67 3.70
C ASP A 358 -3.45 -2.50 4.71
N GLY A 359 -3.77 -1.25 5.02
CA GLY A 359 -4.85 -0.97 5.95
C GLY A 359 -4.45 -0.77 7.40
N GLY A 360 -5.34 -0.13 8.15
CA GLY A 360 -5.09 0.11 9.56
C GLY A 360 -4.31 1.36 9.90
N ILE A 361 -3.88 2.13 8.90
CA ILE A 361 -3.13 3.35 9.17
C ILE A 361 -4.12 4.44 9.56
N VAL A 362 -4.04 4.88 10.82
CA VAL A 362 -4.92 5.93 11.32
C VAL A 362 -4.18 7.25 11.42
N TYR A 363 -2.96 7.21 11.96
CA TYR A 363 -2.14 8.40 12.13
C TYR A 363 -0.85 8.33 11.32
N ASP A 364 -0.23 9.48 11.09
CA ASP A 364 1.03 9.50 10.34
C ASP A 364 2.08 8.59 10.98
N TYR A 365 2.16 8.60 12.31
CA TYR A 365 3.17 7.78 12.98
C TYR A 365 2.96 6.28 12.75
N HIS A 366 1.75 5.89 12.37
CA HIS A 366 1.48 4.48 12.09
C HIS A 366 2.29 4.10 10.84
N MET A 367 2.54 5.08 9.96
CA MET A 367 3.33 4.84 8.75
C MET A 367 4.76 4.48 9.13
N THR A 368 5.34 5.26 10.03
CA THR A 368 6.70 5.04 10.51
C THR A 368 6.77 3.68 11.18
N LEU A 369 5.75 3.36 11.98
CA LEU A 369 5.70 2.07 12.66
C LEU A 369 5.69 0.90 11.67
N ALA A 370 4.82 0.99 10.66
CA ALA A 370 4.70 -0.06 9.66
C ALA A 370 6.03 -0.30 8.94
N LEU A 371 6.70 0.78 8.56
CA LEU A 371 7.98 0.67 7.88
C LEU A 371 9.03 0.09 8.84
N ALA A 372 9.06 0.60 10.06
CA ALA A 372 10.02 0.14 11.06
C ALA A 372 9.86 -1.34 11.34
N MET A 373 8.62 -1.83 11.32
CA MET A 373 8.39 -3.24 11.57
C MET A 373 8.79 -4.12 10.38
N GLY A 374 9.19 -3.50 9.27
CA GLY A 374 9.61 -4.30 8.13
C GLY A 374 8.86 -4.15 6.82
N ALA A 375 7.72 -3.47 6.83
CA ALA A 375 6.97 -3.28 5.60
C ALA A 375 7.80 -2.37 4.69
N ASP A 376 7.91 -2.73 3.42
CA ASP A 376 8.67 -1.94 2.46
C ASP A 376 7.83 -0.74 2.01
N PHE A 377 6.54 -0.97 1.83
CA PHE A 377 5.66 0.12 1.48
C PHE A 377 4.28 -0.05 2.11
N ILE A 378 3.48 1.00 2.03
CA ILE A 378 2.16 1.03 2.66
C ILE A 378 1.04 1.31 1.67
N MET A 379 -0.06 0.57 1.79
CA MET A 379 -1.21 0.80 0.92
C MET A 379 -2.29 1.51 1.76
N LEU A 380 -2.81 2.62 1.26
CA LEU A 380 -3.83 3.35 2.00
C LEU A 380 -5.06 3.67 1.15
N GLY A 381 -6.22 3.67 1.79
CA GLY A 381 -7.46 3.99 1.10
C GLY A 381 -8.02 5.30 1.61
N ARG A 382 -8.51 5.28 2.85
CA ARG A 382 -9.09 6.44 3.50
C ARG A 382 -8.20 7.68 3.36
N TYR A 383 -6.92 7.54 3.70
CA TYR A 383 -5.95 8.61 3.62
C TYR A 383 -6.01 9.35 2.28
N PHE A 384 -6.01 8.60 1.19
CA PHE A 384 -6.05 9.19 -0.15
C PHE A 384 -7.46 9.63 -0.62
N ALA A 385 -8.50 8.99 -0.10
CA ALA A 385 -9.86 9.33 -0.49
C ALA A 385 -10.19 10.79 -0.17
N ARG A 386 -9.60 11.30 0.92
CA ARG A 386 -9.81 12.67 1.37
C ARG A 386 -9.32 13.74 0.39
N PHE A 387 -8.49 13.34 -0.56
CA PHE A 387 -7.94 14.30 -1.50
C PHE A 387 -8.79 14.68 -2.71
N GLU A 388 -8.53 15.89 -3.19
CA GLU A 388 -9.20 16.46 -4.35
C GLU A 388 -9.14 15.49 -5.53
N GLU A 389 -8.00 14.83 -5.69
CA GLU A 389 -7.80 13.91 -6.81
C GLU A 389 -8.49 12.56 -6.75
N SER A 390 -9.16 12.23 -5.64
CA SER A 390 -9.87 10.95 -5.59
C SER A 390 -11.10 11.15 -6.48
N PRO A 391 -11.52 10.10 -7.20
CA PRO A 391 -12.67 10.10 -8.12
C PRO A 391 -14.06 10.32 -7.55
N THR A 392 -14.20 10.33 -6.23
CA THR A 392 -15.50 10.50 -5.62
C THR A 392 -15.98 11.95 -5.65
N ARG A 393 -17.22 12.16 -5.20
CA ARG A 393 -17.79 13.49 -5.18
C ARG A 393 -17.55 14.26 -3.90
N LYS A 394 -17.26 15.56 -4.07
CA LYS A 394 -17.02 16.45 -2.95
C LYS A 394 -18.40 16.93 -2.55
N VAL A 395 -18.84 16.60 -1.34
CA VAL A 395 -20.15 17.01 -0.87
C VAL A 395 -20.06 17.86 0.39
N THR A 396 -20.80 18.96 0.42
CA THR A 396 -20.80 19.85 1.58
C THR A 396 -21.93 19.50 2.52
N ILE A 397 -21.57 19.18 3.76
CA ILE A 397 -22.55 18.83 4.79
C ILE A 397 -22.43 19.79 5.96
N ASN A 398 -23.44 20.65 6.11
CA ASN A 398 -23.48 21.65 7.18
C ASN A 398 -22.15 22.36 7.45
N GLY A 399 -21.62 23.01 6.41
CA GLY A 399 -20.38 23.74 6.55
C GLY A 399 -19.12 22.90 6.47
N SER A 400 -19.27 21.59 6.37
CA SER A 400 -18.12 20.70 6.28
C SER A 400 -18.04 20.02 4.93
N VAL A 401 -16.98 20.30 4.18
CA VAL A 401 -16.81 19.69 2.88
C VAL A 401 -16.24 18.28 3.10
N MET A 402 -16.95 17.28 2.57
CA MET A 402 -16.55 15.89 2.72
C MET A 402 -16.36 15.21 1.37
N LYS A 403 -15.89 13.98 1.41
CA LYS A 403 -15.70 13.18 0.20
C LYS A 403 -16.30 11.81 0.49
N GLU A 404 -16.90 11.19 -0.52
CA GLU A 404 -17.50 9.88 -0.34
C GLU A 404 -16.41 8.83 -0.26
N TYR A 405 -16.66 7.79 0.52
CA TYR A 405 -15.70 6.71 0.65
C TYR A 405 -16.44 5.45 0.97
N TRP A 406 -16.32 4.46 0.09
CA TRP A 406 -16.98 3.18 0.29
C TRP A 406 -16.01 2.05 -0.01
N GLY A 407 -16.16 0.95 0.72
CA GLY A 407 -15.30 -0.19 0.52
C GLY A 407 -15.72 -1.02 -0.69
N GLU A 408 -14.81 -1.87 -1.16
CA GLU A 408 -15.07 -2.73 -2.30
C GLU A 408 -16.05 -3.83 -1.92
N GLY A 409 -16.21 -4.04 -0.62
CA GLY A 409 -17.11 -5.06 -0.15
C GLY A 409 -18.53 -4.56 0.02
N SER A 410 -18.75 -3.26 -0.12
CA SER A 410 -20.08 -2.70 0.03
C SER A 410 -20.90 -3.03 -1.22
N SER A 411 -22.21 -3.09 -1.08
CA SER A 411 -23.08 -3.40 -2.20
C SER A 411 -22.94 -2.31 -3.26
N ARG A 412 -22.61 -1.10 -2.81
CA ARG A 412 -22.45 0.04 -3.70
C ARG A 412 -21.28 -0.14 -4.67
N ALA A 413 -20.38 -1.06 -4.36
CA ALA A 413 -19.20 -1.30 -5.18
C ALA A 413 -19.31 -2.46 -6.16
N ARG A 414 -19.35 -3.68 -5.64
CA ARG A 414 -19.42 -4.86 -6.48
C ARG A 414 -20.70 -4.97 -7.33
N ASN A 415 -21.43 -3.86 -7.45
CA ASN A 415 -22.65 -3.84 -8.26
C ASN A 415 -22.29 -3.36 -9.67
N TRP A 416 -21.25 -3.96 -10.25
CA TRP A 416 -20.82 -3.58 -11.60
C TRP A 416 -20.94 -4.75 -12.58
N GLU A 431 -20.72 -6.42 3.88
CA GLU A 431 -19.33 -6.83 3.73
C GLU A 431 -18.42 -5.60 3.73
N GLY A 432 -18.98 -4.47 3.33
CA GLY A 432 -18.24 -3.23 3.30
C GLY A 432 -19.16 -2.10 3.74
N VAL A 433 -18.61 -0.90 3.94
CA VAL A 433 -19.43 0.23 4.36
C VAL A 433 -19.29 1.45 3.45
N ASP A 434 -20.33 2.27 3.45
CA ASP A 434 -20.37 3.49 2.65
C ASP A 434 -20.35 4.66 3.63
N SER A 435 -19.37 5.55 3.50
CA SER A 435 -19.26 6.68 4.41
C SER A 435 -18.68 7.96 3.81
N TYR A 436 -18.31 8.88 4.69
CA TYR A 436 -17.73 10.16 4.29
C TYR A 436 -16.43 10.43 5.04
N VAL A 437 -15.51 11.14 4.39
CA VAL A 437 -14.24 11.50 5.00
C VAL A 437 -14.02 12.98 4.77
N PRO A 438 -13.52 13.70 5.79
CA PRO A 438 -13.28 15.14 5.66
C PRO A 438 -12.30 15.50 4.55
N TYR A 439 -12.69 16.49 3.75
CA TYR A 439 -11.87 16.97 2.64
C TYR A 439 -10.55 17.50 3.20
N ALA A 440 -9.45 17.11 2.55
CA ALA A 440 -8.14 17.54 3.02
C ALA A 440 -7.42 18.43 2.01
N GLY A 441 -7.99 18.57 0.83
CA GLY A 441 -7.36 19.39 -0.19
C GLY A 441 -6.58 18.53 -1.17
N LYS A 442 -5.58 19.12 -1.81
CA LYS A 442 -4.75 18.42 -2.80
C LYS A 442 -3.81 17.41 -2.15
N LEU A 443 -3.57 16.31 -2.86
CA LEU A 443 -2.69 15.24 -2.39
C LEU A 443 -1.28 15.73 -1.99
N LYS A 444 -0.69 16.57 -2.83
CA LYS A 444 0.66 17.07 -2.62
C LYS A 444 1.04 17.61 -1.23
N ASP A 445 0.34 18.65 -0.77
CA ASP A 445 0.66 19.26 0.52
C ASP A 445 0.45 18.30 1.68
N ASN A 446 -0.52 17.41 1.55
CA ASN A 446 -0.80 16.45 2.60
C ASN A 446 0.26 15.36 2.70
N VAL A 447 0.65 14.80 1.56
CA VAL A 447 1.67 13.77 1.53
C VAL A 447 3.01 14.36 2.01
N GLU A 448 3.28 15.61 1.65
CA GLU A 448 4.52 16.23 2.06
C GLU A 448 4.54 16.40 3.58
N ALA A 449 3.42 16.83 4.14
CA ALA A 449 3.32 17.01 5.60
C ALA A 449 3.50 15.68 6.32
N SER A 450 2.83 14.65 5.84
CA SER A 450 2.91 13.32 6.44
C SER A 450 4.33 12.78 6.43
N LEU A 451 4.97 12.81 5.25
CA LEU A 451 6.33 12.29 5.12
C LEU A 451 7.39 13.11 5.83
N ASN A 452 7.12 14.40 6.06
CA ASN A 452 8.08 15.21 6.79
C ASN A 452 8.13 14.68 8.21
N LYS A 453 6.96 14.30 8.74
CA LYS A 453 6.88 13.77 10.09
C LYS A 453 7.56 12.41 10.17
N VAL A 454 7.39 11.60 9.13
CA VAL A 454 8.01 10.28 9.10
C VAL A 454 9.54 10.47 9.08
N LYS A 455 10.01 11.34 8.20
CA LYS A 455 11.45 11.62 8.08
C LYS A 455 12.03 12.11 9.39
N SER A 456 11.31 13.00 10.06
CA SER A 456 11.77 13.54 11.33
C SER A 456 11.87 12.43 12.37
N THR A 457 10.85 11.58 12.44
CA THR A 457 10.86 10.48 13.40
C THR A 457 12.00 9.52 13.07
N MET A 458 12.25 9.29 11.78
CA MET A 458 13.32 8.40 11.37
C MET A 458 14.67 8.90 11.91
N CYS A 459 14.87 10.21 11.89
CA CYS A 459 16.12 10.75 12.41
C CYS A 459 16.20 10.59 13.92
N ASN A 460 15.06 10.67 14.61
CA ASN A 460 15.04 10.49 16.05
C ASN A 460 15.51 9.06 16.31
N CYS A 461 15.22 8.16 15.36
CA CYS A 461 15.59 6.76 15.48
C CYS A 461 16.97 6.47 14.91
N GLY A 462 17.66 7.49 14.41
CA GLY A 462 18.98 7.31 13.84
C GLY A 462 19.00 6.64 12.48
N ALA A 463 17.97 6.89 11.69
CA ALA A 463 17.87 6.27 10.37
C ALA A 463 17.76 7.28 9.24
N LEU A 464 18.57 7.06 8.20
CA LEU A 464 18.56 7.94 7.03
C LEU A 464 17.82 7.29 5.88
N THR A 465 17.53 6.00 6.02
CA THR A 465 16.82 5.26 4.98
C THR A 465 15.85 4.28 5.63
N ILE A 466 14.94 3.74 4.82
CA ILE A 466 13.98 2.80 5.35
C ILE A 466 14.67 1.53 5.82
N PRO A 467 15.62 0.99 5.04
CA PRO A 467 16.28 -0.22 5.50
C PRO A 467 17.02 0.01 6.82
N GLN A 468 17.58 1.20 6.99
CA GLN A 468 18.30 1.49 8.22
C GLN A 468 17.33 1.60 9.40
N LEU A 469 16.13 2.10 9.12
CA LEU A 469 15.10 2.23 10.13
C LEU A 469 14.63 0.84 10.56
N GLN A 470 14.43 -0.04 9.59
CA GLN A 470 13.97 -1.39 9.89
C GLN A 470 14.99 -2.14 10.73
N SER A 471 16.25 -1.75 10.57
CA SER A 471 17.32 -2.38 11.30
C SER A 471 17.53 -1.81 12.71
N LYS A 472 17.43 -0.50 12.85
CA LYS A 472 17.68 0.17 14.13
C LYS A 472 16.49 0.49 15.04
N ALA A 473 15.28 0.57 14.48
CA ALA A 473 14.11 0.89 15.28
C ALA A 473 13.96 0.09 16.56
N LYS A 474 13.61 0.79 17.64
CA LYS A 474 13.38 0.19 18.96
C LYS A 474 11.88 0.40 19.14
N ILE A 475 11.15 -0.71 19.11
CA ILE A 475 9.69 -0.66 19.18
C ILE A 475 9.11 -1.28 20.43
N THR A 476 8.39 -0.48 21.20
CA THR A 476 7.77 -0.99 22.43
C THR A 476 6.26 -1.01 22.34
N LEU A 477 5.69 -1.96 23.07
CA LEU A 477 4.26 -2.12 23.17
C LEU A 477 3.89 -1.23 24.35
N VAL A 478 2.68 -0.67 24.37
CA VAL A 478 2.25 0.17 25.48
C VAL A 478 1.09 -0.51 26.21
N SER A 479 1.01 -0.29 27.52
CA SER A 479 -0.03 -0.92 28.35
C SER A 479 -1.48 -0.61 27.98
N SER A 480 -2.33 -1.59 28.23
CA SER A 480 -3.76 -1.49 27.99
C SER A 480 -4.31 -0.30 28.76
N VAL A 481 -3.90 -0.22 30.03
CA VAL A 481 -4.34 0.84 30.94
C VAL A 481 -3.70 2.19 30.66
N SER A 482 -2.99 2.32 29.54
CA SER A 482 -2.34 3.58 29.21
C SER A 482 -2.84 4.19 27.91
N ILE A 483 -1.93 4.91 27.26
CA ILE A 483 -2.18 5.62 26.00
C ILE A 483 -2.68 7.02 26.31
N VAL A 484 -3.36 7.16 27.45
CA VAL A 484 -3.90 8.44 27.88
C VAL A 484 -2.77 9.44 28.14
N GLU A 485 -1.69 8.97 28.74
CA GLU A 485 -0.53 9.82 29.04
C GLU A 485 0.04 10.40 27.75
N GLY A 486 0.01 9.58 26.69
CA GLY A 486 0.54 9.99 25.40
C GLY A 486 -0.07 11.26 24.83
N GLY A 487 -1.38 11.38 24.93
CA GLY A 487 -2.06 12.56 24.41
C GLY A 487 -2.16 13.66 25.45
N ALA A 488 -2.90 14.72 25.13
CA ALA A 488 -3.09 15.83 26.06
C ALA A 488 -4.03 15.37 27.17
N HIS A 489 -3.71 15.72 28.41
CA HIS A 489 -4.53 15.31 29.54
C HIS A 489 -4.52 16.30 30.71
N ASP A 490 -5.65 16.39 31.39
CA ASP A 490 -5.80 17.26 32.55
C ASP A 490 -5.64 18.73 32.20
N VAL A 491 -6.03 19.08 30.97
CA VAL A 491 -5.94 20.46 30.51
C VAL A 491 -7.12 20.75 29.58
N ILE A 492 -7.57 22.00 29.58
CA ILE A 492 -8.68 22.42 28.75
C ILE A 492 -8.16 23.14 27.51
NA NA B . -11.55 -2.44 10.27
K K C . 17.68 10.35 18.90
P RVP D . -7.86 2.02 4.89
O1P RVP D . -9.08 2.80 4.52
O2P RVP D . -6.66 2.74 4.36
O3P RVP D . -7.73 1.84 6.43
O5' RVP D . -7.82 0.53 4.35
C5' RVP D . -7.94 0.29 2.94
C4' RVP D . -7.84 -1.17 2.65
O4' RVP D . -9.05 -1.78 3.22
C3' RVP D . -7.85 -1.67 1.21
O3' RVP D . -6.61 -1.50 0.53
C2' RVP D . -8.28 -3.09 1.36
O2' RVP D . -7.22 -3.97 1.66
C1' RVP D . -9.33 -2.97 2.47
N9 RVP D . -10.75 -2.86 1.94
C8 RVP D . -11.29 -2.32 0.78
N7 RVP D . -12.58 -2.44 0.72
C5 RVP D . -12.96 -3.07 1.86
C6 RVP D . -14.26 -3.47 2.35
O6 RVP D . -15.34 -3.29 1.78
N1 RVP D . -14.26 -4.13 3.63
N4 RVP D . -11.84 -3.35 2.65
C1 MOA E . -9.97 -7.17 4.30
C2 MOA E . -13.90 -7.86 0.19
C3 MOA E . -14.59 -8.28 -0.88
C4 MOA E . -15.05 -9.73 -0.84
C5 MOA E . -14.26 -10.58 -1.85
C6 MOA E . -12.96 -11.15 -1.30
C7 MOA E . -8.15 -6.43 -0.24
C8 MOA E . -10.94 -7.42 -2.11
C9 MOA E . -14.88 -7.42 -2.12
C10 MOA E . -8.05 -6.97 2.93
C11 MOA E . -9.29 -6.80 2.06
C12 MOA E . -9.38 -6.56 0.64
C13 MOA E . -10.71 -6.45 0.06
C14 MOA E . -11.88 -6.58 0.92
C15 MOA E . -11.72 -6.81 2.33
C16 MOA E . -10.41 -6.92 2.87
C17 MOA E . -13.28 -6.47 0.35
O1 MOA E . -10.61 -7.34 5.28
O2 MOA E . -8.64 -7.19 4.26
O3 MOA E . -10.82 -6.22 -1.29
O4 MOA E . -12.87 -6.94 3.12
O5 MOA E . -13.02 -12.13 -0.54
O6 MOA E . -11.88 -10.61 -1.63
#